data_5WBX
#
_entry.id   5WBX
#
_cell.length_a   77.328
_cell.length_b   66.091
_cell.length_c   65.435
_cell.angle_alpha   90.000
_cell.angle_beta   93.840
_cell.angle_gamma   90.000
#
_symmetry.space_group_name_H-M   'C 1 2 1'
#
loop_
_entity.id
_entity.type
_entity.pdbx_description
1 polymer 'Small conductance calcium-activated potassium channel protein 2'
2 polymer Calmodulin-1
3 non-polymer 'SULFATE ION'
4 non-polymer GLYCEROL
5 non-polymer 'CALCIUM ION'
6 non-polymer (3Z)-6-bromo-3-(hydroxyimino)-5-methyl-1,3-dihydro-2H-indol-2-one
7 water water
#
loop_
_entity_poly.entity_id
_entity_poly.type
_entity_poly.pdbx_seq_one_letter_code
_entity_poly.pdbx_strand_id
1 'polypeptide(L)'
;GRKLELTKAEKHVHAFMMDTQLTKRVKNAAANVLRETWLIYKNTKLVKKIDHAKVRKHQRKFLQAIHQLRSVKMEQRKLN
DQANTLVDLAKTQLE
;
B
2 'polypeptide(L)'
;AALTEEQIAEFKEAFSLFDKDGDGTITTKELGTVMRSLGQNPTEAELQDMINEVDADGNGTIDFPEFLTMMARKMKDTDS
EEEIREAFRVFDKDGNGYISAAELRHVMTNLGEKLTDEEVDEMIREADIDGDGQVNYEEFVQMMTA
;
R
#
loop_
_chem_comp.id
_chem_comp.type
_chem_comp.name
_chem_comp.formula
AJY non-polymer (3Z)-6-bromo-3-(hydroxyimino)-5-methyl-1,3-dihydro-2H-indol-2-one 'C9 H7 Br N2 O2'
CA non-polymer 'CALCIUM ION' 'Ca 2'
GOL non-polymer GLYCEROL 'C3 H8 O3'
SO4 non-polymer 'SULFATE ION' 'O4 S -2'
#
# COMPACT_ATOMS: atom_id res chain seq x y z
N GLY A 1 -18.93 13.02 -3.90
CA GLY A 1 -18.23 11.80 -4.29
C GLY A 1 -17.34 11.25 -3.20
N ARG A 2 -16.27 10.56 -3.61
CA ARG A 2 -15.38 9.91 -2.64
C ARG A 2 -14.46 10.89 -1.94
N LYS A 3 -14.27 12.08 -2.52
CA LYS A 3 -13.46 13.14 -1.93
C LYS A 3 -12.11 12.54 -1.59
N LEU A 4 -11.71 12.58 -0.32
CA LEU A 4 -10.39 12.13 0.11
C LEU A 4 -10.29 10.68 0.56
N GLU A 5 -11.35 9.90 0.40
CA GLU A 5 -11.34 8.51 0.82
C GLU A 5 -10.55 7.65 -0.17
N LEU A 6 -9.99 6.56 0.34
CA LEU A 6 -9.24 5.63 -0.50
C LEU A 6 -9.65 4.21 -0.19
N THR A 7 -9.27 3.28 -1.07
CA THR A 7 -9.64 1.88 -0.92
C THR A 7 -9.20 1.34 0.43
N LYS A 8 -10.12 0.67 1.12
CA LYS A 8 -9.84 0.12 2.44
C LYS A 8 -8.97 -1.12 2.31
N ALA A 9 -7.85 -1.13 3.02
CA ALA A 9 -6.99 -2.30 3.05
C ALA A 9 -7.65 -3.43 3.81
N GLU A 10 -7.39 -4.65 3.35
CA GLU A 10 -7.80 -5.82 4.10
C GLU A 10 -7.06 -5.86 5.44
N LYS A 11 -7.80 -6.07 6.52
CA LYS A 11 -7.23 -5.97 7.86
C LYS A 11 -6.09 -6.95 8.07
N HIS A 12 -6.14 -8.12 7.43
CA HIS A 12 -5.16 -9.17 7.65
C HIS A 12 -4.54 -9.61 6.34
N VAL A 13 -3.22 -9.85 6.39
CA VAL A 13 -2.51 -10.46 5.27
C VAL A 13 -3.17 -11.77 4.91
N HIS A 14 -3.45 -11.95 3.62
CA HIS A 14 -4.23 -13.11 3.16
C HIS A 14 -4.16 -13.27 1.64
N ALA A 15 -3.26 -12.55 0.97
CA ALA A 15 -3.28 -12.49 -0.48
C ALA A 15 -1.92 -12.85 -1.08
N PHE A 16 -1.96 -13.18 -2.37
CA PHE A 16 -0.79 -13.34 -3.25
C PHE A 16 0.00 -14.62 -2.99
N MET A 17 -0.59 -15.60 -2.33
CA MET A 17 0.06 -16.90 -2.22
C MET A 17 -0.09 -17.73 -3.49
N MET A 18 -0.73 -17.19 -4.53
CA MET A 18 -0.61 -17.75 -5.86
C MET A 18 0.80 -17.63 -6.41
N ASP A 19 1.60 -16.73 -5.85
CA ASP A 19 2.94 -16.43 -6.36
C ASP A 19 3.79 -17.68 -6.52
N THR A 20 3.52 -18.70 -5.75
CA THR A 20 4.29 -19.92 -5.80
C THR A 20 5.66 -19.73 -5.17
N GLN A 21 6.37 -18.67 -5.51
CA GLN A 21 7.69 -18.45 -4.90
C GLN A 21 7.41 -18.04 -3.46
N LEU A 22 6.44 -17.13 -3.25
CA LEU A 22 6.11 -16.77 -1.87
C LEU A 22 5.56 -17.97 -1.11
N THR A 23 4.74 -18.78 -1.77
CA THR A 23 4.14 -19.93 -1.11
C THR A 23 5.21 -20.95 -0.72
N LYS A 24 6.14 -21.24 -1.63
CA LYS A 24 7.27 -22.11 -1.28
C LYS A 24 8.10 -21.52 -0.14
N ARG A 25 8.40 -20.22 -0.20
CA ARG A 25 9.15 -19.58 0.88
C ARG A 25 8.45 -19.74 2.24
N VAL A 26 7.13 -19.56 2.28
CA VAL A 26 6.42 -19.68 3.56
C VAL A 26 6.48 -21.11 4.08
N LYS A 27 6.23 -22.09 3.20
CA LYS A 27 6.24 -23.49 3.63
C LYS A 27 7.59 -23.88 4.21
N ASN A 28 8.67 -23.54 3.51
CA ASN A 28 9.98 -23.97 3.98
C ASN A 28 10.40 -23.23 5.24
N ALA A 29 10.17 -21.92 5.29
CA ALA A 29 10.57 -21.17 6.49
C ALA A 29 9.71 -21.55 7.69
N ALA A 30 8.39 -21.71 7.51
CA ALA A 30 7.55 -22.10 8.64
C ALA A 30 7.96 -23.47 9.17
N ALA A 31 8.25 -24.41 8.26
CA ALA A 31 8.68 -25.73 8.73
C ALA A 31 9.98 -25.60 9.52
N ASN A 32 10.86 -24.68 9.10
CA ASN A 32 12.12 -24.48 9.81
C ASN A 32 11.92 -23.76 11.15
N VAL A 33 10.95 -22.85 11.25
CA VAL A 33 10.61 -22.32 12.57
C VAL A 33 10.22 -23.45 13.51
N LEU A 34 9.37 -24.38 13.04
CA LEU A 34 8.95 -25.50 13.87
C LEU A 34 10.16 -26.35 14.25
N ARG A 35 11.02 -26.62 13.28
CA ARG A 35 12.20 -27.46 13.50
C ARG A 35 13.11 -26.85 14.57
N GLU A 36 13.41 -25.56 14.44
CA GLU A 36 14.39 -24.94 15.32
C GLU A 36 13.78 -24.60 16.68
N THR A 37 12.50 -24.28 16.74
CA THR A 37 11.83 -24.12 18.04
C THR A 37 11.91 -25.40 18.85
N TRP A 38 11.59 -26.53 18.22
CA TRP A 38 11.72 -27.82 18.89
C TRP A 38 13.16 -28.08 19.33
N LEU A 39 14.13 -27.88 18.41
CA LEU A 39 15.50 -28.26 18.75
C LEU A 39 16.09 -27.35 19.81
N ILE A 40 15.70 -26.07 19.84
CA ILE A 40 16.11 -25.20 20.95
C ILE A 40 15.46 -25.65 22.25
N TYR A 41 14.17 -25.96 22.21
CA TYR A 41 13.47 -26.39 23.42
C TYR A 41 14.07 -27.68 23.97
N LYS A 42 14.24 -28.68 23.09
CA LYS A 42 14.87 -29.93 23.50
C LYS A 42 16.22 -29.69 24.15
N ASN A 43 17.05 -28.84 23.52
CA ASN A 43 18.42 -28.65 23.97
C ASN A 43 18.56 -27.72 25.16
N THR A 44 17.50 -26.99 25.54
CA THR A 44 17.55 -26.14 26.72
C THR A 44 16.71 -26.67 27.88
N LYS A 45 15.73 -27.53 27.62
CA LYS A 45 14.80 -27.97 28.65
C LYS A 45 14.71 -29.48 28.83
N LEU A 46 15.13 -30.29 27.86
CA LEU A 46 14.93 -31.73 27.93
C LEU A 46 16.25 -32.51 27.98
N VAL A 47 17.37 -31.86 28.31
CA VAL A 47 18.65 -32.53 28.36
C VAL A 47 19.21 -32.41 29.77
N LYS A 48 20.14 -33.31 30.10
CA LYS A 48 20.82 -33.26 31.39
C LYS A 48 21.71 -32.02 31.48
N LYS A 49 22.52 -31.78 30.44
CA LYS A 49 23.44 -30.65 30.43
C LYS A 49 23.36 -29.92 29.09
N ILE A 50 23.22 -28.60 29.13
CA ILE A 50 23.01 -27.82 27.93
C ILE A 50 24.30 -27.76 27.11
N ASP A 51 24.20 -28.11 25.83
CA ASP A 51 25.29 -27.96 24.88
C ASP A 51 25.12 -26.60 24.21
N HIS A 52 25.89 -25.62 24.65
CA HIS A 52 25.67 -24.25 24.19
C HIS A 52 26.04 -24.06 22.73
N ALA A 53 27.03 -24.81 22.22
CA ALA A 53 27.31 -24.76 20.78
C ALA A 53 26.09 -25.20 19.97
N LYS A 54 25.44 -26.29 20.40
CA LYS A 54 24.20 -26.71 19.76
C LYS A 54 23.13 -25.63 19.87
N VAL A 55 23.03 -24.97 21.02
CA VAL A 55 21.99 -23.96 21.16
C VAL A 55 22.26 -22.79 20.23
N ARG A 56 23.53 -22.38 20.10
CA ARG A 56 23.84 -21.26 19.20
C ARG A 56 23.50 -21.61 17.76
N LYS A 57 23.80 -22.84 17.33
CA LYS A 57 23.50 -23.22 15.96
C LYS A 57 22.01 -23.09 15.67
N HIS A 58 21.17 -23.64 16.54
CA HIS A 58 19.73 -23.64 16.27
C HIS A 58 19.12 -22.27 16.50
N GLN A 59 19.70 -21.45 17.37
CA GLN A 59 19.26 -20.05 17.47
C GLN A 59 19.54 -19.31 16.17
N ARG A 60 20.68 -19.58 15.53
CA ARG A 60 20.95 -18.97 14.24
C ARG A 60 19.92 -19.42 13.21
N LYS A 61 19.63 -20.71 13.14
CA LYS A 61 18.65 -21.19 12.17
C LYS A 61 17.24 -20.75 12.53
N PHE A 62 16.96 -20.58 13.82
CA PHE A 62 15.65 -20.08 14.26
C PHE A 62 15.42 -18.64 13.81
N LEU A 63 16.37 -17.77 14.08
CA LEU A 63 16.18 -16.36 13.69
C LEU A 63 16.10 -16.21 12.17
N GLN A 64 16.86 -17.01 11.42
CA GLN A 64 16.76 -16.87 9.97
C GLN A 64 15.37 -17.27 9.47
N ALA A 65 14.78 -18.35 10.02
CA ALA A 65 13.44 -18.75 9.60
C ALA A 65 12.38 -17.73 10.04
N ILE A 66 12.48 -17.23 11.27
CA ILE A 66 11.52 -16.21 11.71
C ILE A 66 11.58 -14.98 10.81
N HIS A 67 12.80 -14.51 10.54
CA HIS A 67 12.91 -13.29 9.72
C HIS A 67 12.54 -13.57 8.25
N GLN A 68 12.69 -14.81 7.78
CA GLN A 68 12.20 -15.16 6.43
C GLN A 68 10.69 -15.02 6.34
N LEU A 69 9.99 -15.44 7.39
CA LEU A 69 8.55 -15.30 7.45
C LEU A 69 8.14 -13.83 7.54
N ARG A 70 8.86 -13.04 8.35
CA ARG A 70 8.62 -11.59 8.35
C ARG A 70 8.78 -11.00 6.96
N SER A 71 9.83 -11.41 6.24
CA SER A 71 10.07 -10.87 4.90
C SER A 71 8.91 -11.18 3.95
N VAL A 72 8.38 -12.41 4.01
CA VAL A 72 7.23 -12.73 3.17
C VAL A 72 6.04 -11.86 3.54
N LYS A 73 5.79 -11.70 4.85
CA LYS A 73 4.62 -10.92 5.26
C LYS A 73 4.74 -9.47 4.83
N MET A 74 5.93 -8.87 4.95
CA MET A 74 6.11 -7.52 4.44
C MET A 74 5.96 -7.46 2.93
N GLU A 75 6.38 -8.51 2.21
CA GLU A 75 6.20 -8.46 0.76
C GLU A 75 4.72 -8.57 0.40
N GLN A 76 3.96 -9.36 1.16
CA GLN A 76 2.51 -9.42 0.94
C GLN A 76 1.84 -8.06 1.18
N ARG A 77 2.28 -7.34 2.23
CA ARG A 77 1.71 -6.02 2.47
C ARG A 77 2.05 -5.06 1.33
N LYS A 78 3.28 -5.13 0.83
CA LYS A 78 3.70 -4.29 -0.28
C LYS A 78 2.85 -4.57 -1.51
N LEU A 79 2.72 -5.85 -1.87
CA LEU A 79 1.90 -6.23 -3.02
C LEU A 79 0.48 -5.75 -2.85
N ASN A 80 -0.05 -5.87 -1.63
CA ASN A 80 -1.43 -5.45 -1.39
C ASN A 80 -1.58 -3.95 -1.55
N ASP A 81 -0.59 -3.16 -1.14
CA ASP A 81 -0.76 -1.73 -1.35
C ASP A 81 -0.50 -1.34 -2.80
N GLN A 82 0.37 -2.06 -3.53
CA GLN A 82 0.49 -1.82 -4.96
C GLN A 82 -0.86 -2.06 -5.64
N ALA A 83 -1.53 -3.16 -5.28
CA ALA A 83 -2.83 -3.46 -5.90
C ALA A 83 -3.87 -2.41 -5.54
N ASN A 84 -3.87 -1.94 -4.28
CA ASN A 84 -4.79 -0.88 -3.89
C ASN A 84 -4.50 0.44 -4.60
N THR A 85 -3.24 0.67 -4.97
CA THR A 85 -2.89 1.84 -5.78
C THR A 85 -3.64 1.81 -7.11
N LEU A 86 -3.62 0.66 -7.77
CA LEU A 86 -4.32 0.48 -9.03
C LEU A 86 -5.83 0.61 -8.86
N VAL A 87 -6.37 0.04 -7.77
CA VAL A 87 -7.80 0.20 -7.51
C VAL A 87 -8.14 1.67 -7.31
N ASP A 88 -7.36 2.36 -6.47
CA ASP A 88 -7.60 3.80 -6.25
C ASP A 88 -7.53 4.58 -7.56
N LEU A 89 -6.56 4.26 -8.43
CA LEU A 89 -6.50 4.96 -9.72
C LEU A 89 -7.77 4.71 -10.54
N ALA A 90 -8.22 3.45 -10.63
CA ALA A 90 -9.44 3.15 -11.38
C ALA A 90 -10.65 3.88 -10.80
N LYS A 91 -10.73 3.98 -9.46
CA LYS A 91 -11.85 4.64 -8.81
C LYS A 91 -11.88 6.14 -9.04
N THR A 92 -10.79 6.76 -9.51
CA THR A 92 -10.89 8.19 -9.84
C THR A 92 -11.90 8.43 -10.94
N GLN A 93 -12.22 7.41 -11.75
CA GLN A 93 -13.21 7.55 -12.81
C GLN A 93 -14.65 7.44 -12.31
N LEU A 94 -14.86 7.19 -11.02
CA LEU A 94 -16.22 7.25 -10.47
C LEU A 94 -16.67 8.69 -10.21
N GLU A 95 -15.76 9.66 -10.26
CA GLU A 95 -16.07 11.06 -9.98
C GLU A 95 -16.67 11.78 -11.20
N ALA B 1 -20.42 -7.99 -3.51
CA ALA B 1 -19.85 -7.58 -4.79
C ALA B 1 -20.93 -7.36 -5.84
N ALA B 2 -21.44 -6.13 -5.90
CA ALA B 2 -22.36 -5.73 -6.95
C ALA B 2 -21.89 -4.42 -7.52
N LEU B 3 -21.89 -4.31 -8.85
CA LEU B 3 -21.58 -3.08 -9.54
C LEU B 3 -22.83 -2.56 -10.23
N THR B 4 -23.06 -1.27 -10.12
CA THR B 4 -24.16 -0.69 -10.87
C THR B 4 -23.79 -0.63 -12.35
N GLU B 5 -24.81 -0.45 -13.20
CA GLU B 5 -24.54 -0.25 -14.60
C GLU B 5 -23.74 1.04 -14.83
N GLU B 6 -24.00 2.07 -14.01
CA GLU B 6 -23.21 3.29 -14.11
C GLU B 6 -21.74 3.06 -13.73
N GLN B 7 -21.49 2.23 -12.71
CA GLN B 7 -20.11 1.96 -12.33
C GLN B 7 -19.38 1.16 -13.40
N ILE B 8 -20.11 0.33 -14.14
CA ILE B 8 -19.51 -0.51 -15.18
C ILE B 8 -18.98 0.36 -16.32
N ALA B 9 -19.78 1.34 -16.76
CA ALA B 9 -19.34 2.22 -17.84
C ALA B 9 -18.19 3.12 -17.40
N GLU B 10 -18.22 3.60 -16.15
CA GLU B 10 -17.11 4.42 -15.67
C GLU B 10 -15.83 3.62 -15.60
N PHE B 11 -15.89 2.37 -15.14
CA PHE B 11 -14.69 1.53 -15.10
C PHE B 11 -14.19 1.16 -16.49
N LYS B 12 -15.01 1.30 -17.53
CA LYS B 12 -14.49 1.16 -18.89
C LYS B 12 -13.50 2.27 -19.19
N GLU B 13 -13.83 3.51 -18.82
CA GLU B 13 -12.86 4.59 -18.94
C GLU B 13 -11.63 4.31 -18.11
N ALA B 14 -11.82 3.71 -16.92
CA ALA B 14 -10.70 3.39 -16.05
C ALA B 14 -9.75 2.39 -16.71
N PHE B 15 -10.30 1.39 -17.39
CA PHE B 15 -9.48 0.38 -18.07
C PHE B 15 -8.49 1.02 -19.03
N SER B 16 -8.85 2.13 -19.66
CA SER B 16 -7.97 2.80 -20.61
C SER B 16 -6.78 3.48 -19.94
N LEU B 17 -6.88 3.78 -18.64
CA LEU B 17 -5.70 4.30 -17.93
C LEU B 17 -4.58 3.27 -17.87
N PHE B 18 -4.93 2.01 -17.93
CA PHE B 18 -3.99 0.92 -17.83
C PHE B 18 -3.60 0.32 -19.19
N ASP B 19 -4.59 0.09 -20.03
CA ASP B 19 -4.45 -0.45 -21.37
C ASP B 19 -4.04 0.64 -22.28
N LYS B 20 -2.82 1.00 -22.12
CA LYS B 20 -2.08 2.09 -22.76
C LYS B 20 -2.04 2.02 -24.27
N ASP B 21 -1.84 0.85 -24.83
CA ASP B 21 -1.90 0.79 -26.29
C ASP B 21 -3.32 0.54 -26.81
N GLY B 22 -4.28 0.25 -25.93
CA GLY B 22 -5.65 0.11 -26.35
C GLY B 22 -5.99 -1.19 -27.04
N ASP B 23 -5.09 -2.18 -27.02
CA ASP B 23 -5.36 -3.46 -27.67
C ASP B 23 -6.27 -4.36 -26.85
N GLY B 24 -6.93 -3.83 -25.82
CA GLY B 24 -7.90 -4.59 -25.07
C GLY B 24 -7.35 -5.39 -23.91
N THR B 25 -6.05 -5.33 -23.64
CA THR B 25 -5.50 -6.17 -22.61
C THR B 25 -4.39 -5.42 -21.88
N ILE B 26 -4.28 -5.66 -20.57
CA ILE B 26 -3.26 -5.06 -19.72
C ILE B 26 -2.13 -6.06 -19.53
N THR B 27 -0.91 -5.66 -19.89
CA THR B 27 0.28 -6.48 -19.74
C THR B 27 1.12 -6.00 -18.56
N THR B 28 2.10 -6.83 -18.18
CA THR B 28 3.03 -6.42 -17.12
C THR B 28 3.77 -5.15 -17.53
N LYS B 29 4.13 -5.03 -18.81
CA LYS B 29 4.87 -3.86 -19.26
C LYS B 29 4.05 -2.58 -19.08
N GLU B 30 2.75 -2.65 -19.37
CA GLU B 30 1.89 -1.48 -19.20
C GLU B 30 1.71 -1.12 -17.73
N LEU B 31 1.55 -2.13 -16.86
CA LEU B 31 1.42 -1.84 -15.42
C LEU B 31 2.69 -1.23 -14.86
N GLY B 32 3.84 -1.65 -15.35
CA GLY B 32 5.08 -1.01 -14.94
C GLY B 32 5.09 0.47 -15.31
N THR B 33 4.70 0.78 -16.54
CA THR B 33 4.62 2.17 -16.96
C THR B 33 3.64 2.96 -16.10
N VAL B 34 2.45 2.38 -15.84
CA VAL B 34 1.45 3.05 -15.03
C VAL B 34 1.98 3.24 -13.61
N MET B 35 2.55 2.18 -13.03
CA MET B 35 3.00 2.28 -11.65
C MET B 35 4.12 3.29 -11.49
N ARG B 36 5.04 3.35 -12.46
CA ARG B 36 6.13 4.32 -12.34
C ARG B 36 5.64 5.76 -12.54
N SER B 37 4.60 5.96 -13.36
CA SER B 37 4.02 7.29 -13.48
C SER B 37 3.30 7.73 -12.21
N LEU B 38 2.96 6.79 -11.33
CA LEU B 38 2.44 7.12 -10.00
C LEU B 38 3.55 7.19 -8.96
N GLY B 39 4.81 7.15 -9.39
CA GLY B 39 5.93 7.29 -8.47
C GLY B 39 6.22 6.04 -7.66
N GLN B 40 5.92 4.86 -8.17
CA GLN B 40 6.29 3.62 -7.49
C GLN B 40 7.23 2.83 -8.40
N ASN B 41 7.82 1.76 -7.85
CA ASN B 41 8.88 1.04 -8.55
C ASN B 41 8.73 -0.46 -8.36
N PRO B 42 7.62 -1.04 -8.83
CA PRO B 42 7.45 -2.49 -8.69
C PRO B 42 8.50 -3.24 -9.48
N THR B 43 8.97 -4.34 -8.91
CA THR B 43 9.86 -5.21 -9.65
C THR B 43 9.05 -6.01 -10.68
N GLU B 44 9.78 -6.69 -11.56
CA GLU B 44 9.12 -7.55 -12.56
C GLU B 44 8.25 -8.63 -11.89
N ALA B 45 8.79 -9.29 -10.85
CA ALA B 45 8.01 -10.32 -10.17
C ALA B 45 6.74 -9.72 -9.54
N GLU B 46 6.86 -8.51 -9.01
CA GLU B 46 5.69 -7.87 -8.38
C GLU B 46 4.62 -7.53 -9.43
N LEU B 47 5.03 -7.07 -10.61
CA LEU B 47 4.10 -6.84 -11.71
C LEU B 47 3.46 -8.13 -12.18
N GLN B 48 4.26 -9.19 -12.33
CA GLN B 48 3.70 -10.47 -12.72
C GLN B 48 2.69 -10.97 -11.69
N ASP B 49 2.97 -10.77 -10.39
CA ASP B 49 2.01 -11.14 -9.36
C ASP B 49 0.72 -10.36 -9.50
N MET B 50 0.81 -9.05 -9.76
CA MET B 50 -0.41 -8.24 -9.95
C MET B 50 -1.25 -8.77 -11.11
N ILE B 51 -0.60 -9.09 -12.23
CA ILE B 51 -1.32 -9.68 -13.37
C ILE B 51 -1.92 -11.03 -12.98
N ASN B 52 -1.10 -11.89 -12.37
CA ASN B 52 -1.51 -13.27 -12.13
C ASN B 52 -2.65 -13.37 -11.13
N GLU B 53 -2.77 -12.39 -10.22
CA GLU B 53 -3.82 -12.42 -9.21
C GLU B 53 -5.19 -12.15 -9.83
N VAL B 54 -5.22 -11.47 -10.96
CA VAL B 54 -6.47 -11.11 -11.63
C VAL B 54 -6.71 -11.90 -12.91
N ASP B 55 -5.66 -12.44 -13.54
CA ASP B 55 -5.77 -13.16 -14.80
C ASP B 55 -6.46 -14.50 -14.55
N ALA B 56 -7.76 -14.57 -14.85
CA ALA B 56 -8.53 -15.77 -14.54
C ALA B 56 -8.21 -16.92 -15.49
N ASP B 57 -7.99 -16.64 -16.77
CA ASP B 57 -7.80 -17.71 -17.76
C ASP B 57 -6.34 -18.04 -18.01
N GLY B 58 -5.41 -17.36 -17.34
CA GLY B 58 -4.01 -17.75 -17.40
C GLY B 58 -3.30 -17.47 -18.70
N ASN B 59 -3.80 -16.55 -19.53
CA ASN B 59 -3.13 -16.21 -20.79
C ASN B 59 -2.10 -15.08 -20.62
N GLY B 60 -1.83 -14.64 -19.39
CA GLY B 60 -0.72 -13.73 -19.12
C GLY B 60 -1.06 -12.25 -19.10
N THR B 61 -2.28 -11.85 -19.45
CA THR B 61 -2.67 -10.45 -19.43
C THR B 61 -4.04 -10.32 -18.76
N ILE B 62 -4.47 -9.08 -18.52
CA ILE B 62 -5.76 -8.80 -17.88
C ILE B 62 -6.67 -8.16 -18.93
N ASP B 63 -7.83 -8.77 -19.15
CA ASP B 63 -8.84 -8.17 -20.01
C ASP B 63 -9.88 -7.43 -19.16
N PHE B 64 -10.62 -6.54 -19.81
CA PHE B 64 -11.65 -5.79 -19.09
C PHE B 64 -12.58 -6.68 -18.26
N PRO B 65 -13.05 -7.82 -18.75
CA PRO B 65 -13.82 -8.72 -17.86
C PRO B 65 -13.14 -9.05 -16.54
N GLU B 66 -11.87 -9.50 -16.60
CA GLU B 66 -11.13 -9.80 -15.38
C GLU B 66 -10.88 -8.53 -14.58
N PHE B 67 -10.61 -7.42 -15.28
CA PHE B 67 -10.45 -6.14 -14.61
C PHE B 67 -11.71 -5.79 -13.82
N LEU B 68 -12.85 -5.78 -14.49
CA LEU B 68 -14.10 -5.37 -13.87
C LEU B 68 -14.50 -6.31 -12.74
N THR B 69 -14.32 -7.62 -12.94
CA THR B 69 -14.74 -8.58 -11.92
C THR B 69 -13.97 -8.36 -10.62
N MET B 70 -12.71 -7.96 -10.69
CA MET B 70 -11.95 -7.77 -9.46
C MET B 70 -12.22 -6.40 -8.81
N MET B 71 -12.51 -5.37 -9.59
CA MET B 71 -12.95 -4.11 -9.01
C MET B 71 -14.19 -4.32 -8.14
N ALA B 72 -15.07 -5.24 -8.55
CA ALA B 72 -16.30 -5.49 -7.81
C ALA B 72 -16.02 -5.88 -6.36
N ARG B 73 -14.91 -6.57 -6.11
CA ARG B 73 -14.58 -6.99 -4.74
C ARG B 73 -13.85 -5.91 -3.95
N LYS B 74 -13.52 -4.75 -4.54
CA LYS B 74 -12.62 -3.80 -3.91
C LYS B 74 -13.26 -2.42 -3.76
N MET B 75 -14.59 -2.36 -3.71
CA MET B 75 -15.27 -1.07 -3.71
C MET B 75 -15.25 -0.37 -2.36
N LYS B 76 -14.95 -1.07 -1.28
CA LYS B 76 -15.03 -0.46 0.04
C LYS B 76 -13.90 0.55 0.23
N ASP B 77 -14.26 1.77 0.66
CA ASP B 77 -13.32 2.85 0.94
C ASP B 77 -13.26 3.14 2.44
N THR B 78 -12.29 3.97 2.83
CA THR B 78 -12.20 4.40 4.23
C THR B 78 -11.55 5.77 4.29
N ASP B 79 -11.85 6.51 5.36
CA ASP B 79 -11.39 7.89 5.46
C ASP B 79 -9.88 7.97 5.62
N SER B 80 -9.30 9.07 5.14
CA SER B 80 -7.86 9.26 5.09
C SER B 80 -7.36 10.25 6.13
N GLU B 81 -8.19 10.62 7.11
CA GLU B 81 -7.82 11.69 8.05
C GLU B 81 -6.46 11.44 8.70
N GLU B 82 -6.25 10.24 9.25
CA GLU B 82 -5.01 10.00 9.99
C GLU B 82 -3.79 10.04 9.07
N GLU B 83 -3.88 9.47 7.87
CA GLU B 83 -2.74 9.51 6.96
C GLU B 83 -2.42 10.93 6.53
N ILE B 84 -3.46 11.74 6.32
CA ILE B 84 -3.21 13.13 5.93
C ILE B 84 -2.57 13.88 7.09
N ARG B 85 -3.06 13.66 8.31
CA ARG B 85 -2.45 14.30 9.46
C ARG B 85 -0.97 13.93 9.57
N GLU B 86 -0.61 12.69 9.21
CA GLU B 86 0.78 12.27 9.28
C GLU B 86 1.63 12.93 8.21
N ALA B 87 1.06 13.25 7.04
CA ALA B 87 1.80 14.02 6.05
C ALA B 87 2.13 15.42 6.56
N PHE B 88 1.16 16.08 7.21
CA PHE B 88 1.45 17.38 7.82
C PHE B 88 2.56 17.27 8.87
N ARG B 89 2.50 16.21 9.70
CA ARG B 89 3.47 16.03 10.77
C ARG B 89 4.92 16.01 10.26
N VAL B 90 5.14 15.64 9.00
CA VAL B 90 6.48 15.70 8.42
C VAL B 90 7.09 17.10 8.56
N PHE B 91 6.26 18.13 8.53
CA PHE B 91 6.74 19.51 8.53
C PHE B 91 6.59 20.17 9.89
N ASP B 92 6.21 19.41 10.92
CA ASP B 92 6.08 19.89 12.29
C ASP B 92 7.46 19.74 12.94
N LYS B 93 8.32 20.74 12.70
CA LYS B 93 9.73 20.66 13.08
C LYS B 93 9.90 20.34 14.56
N ASP B 94 9.12 20.99 15.42
CA ASP B 94 9.27 20.85 16.87
C ASP B 94 8.31 19.83 17.45
N GLY B 95 7.56 19.12 16.61
CA GLY B 95 6.58 18.16 17.10
C GLY B 95 5.64 18.72 18.15
N ASN B 96 5.13 19.94 17.93
CA ASN B 96 4.21 20.56 18.88
C ASN B 96 2.79 20.67 18.33
N GLY B 97 2.47 19.94 17.26
CA GLY B 97 1.16 20.03 16.68
C GLY B 97 0.91 21.26 15.83
N TYR B 98 1.90 22.14 15.67
CA TYR B 98 1.73 23.39 14.95
C TYR B 98 2.75 23.53 13.83
N ILE B 99 2.32 24.20 12.78
CA ILE B 99 3.19 24.66 11.71
C ILE B 99 2.81 26.11 11.44
N SER B 100 3.80 27.00 11.46
CA SER B 100 3.49 28.41 11.23
C SER B 100 3.02 28.62 9.80
N ALA B 101 2.23 29.68 9.61
CA ALA B 101 1.82 30.06 8.26
C ALA B 101 3.03 30.30 7.38
N ALA B 102 4.08 30.93 7.94
CA ALA B 102 5.29 31.20 7.17
C ALA B 102 5.97 29.91 6.73
N GLU B 103 6.02 28.91 7.60
CA GLU B 103 6.64 27.64 7.24
C GLU B 103 5.78 26.87 6.25
N LEU B 104 4.45 26.93 6.39
CA LEU B 104 3.59 26.27 5.41
C LEU B 104 3.75 26.88 4.03
N ARG B 105 3.82 28.22 3.95
CA ARG B 105 4.06 28.87 2.66
C ARG B 105 5.38 28.42 2.05
N HIS B 106 6.44 28.38 2.88
CA HIS B 106 7.73 27.91 2.41
C HIS B 106 7.65 26.50 1.84
N VAL B 107 7.03 25.58 2.59
CA VAL B 107 6.92 24.18 2.14
C VAL B 107 6.17 24.11 0.82
N MET B 108 5.00 24.74 0.76
CA MET B 108 4.12 24.60 -0.40
C MET B 108 4.66 25.30 -1.64
N THR B 109 5.52 26.31 -1.49
CA THR B 109 6.10 26.96 -2.66
C THR B 109 7.45 26.39 -3.06
N ASN B 110 7.96 25.37 -2.36
CA ASN B 110 9.29 24.85 -2.66
C ASN B 110 9.35 23.32 -2.85
N LEU B 111 8.45 22.56 -2.22
CA LEU B 111 8.50 21.12 -2.25
C LEU B 111 7.32 20.55 -3.05
N GLY B 112 7.52 19.37 -3.61
CA GLY B 112 6.44 18.76 -4.38
C GLY B 112 6.22 19.48 -5.72
N GLU B 113 4.99 19.34 -6.23
CA GLU B 113 4.58 20.07 -7.42
C GLU B 113 4.41 21.56 -7.17
N LYS B 114 4.27 21.98 -5.91
CA LYS B 114 4.18 23.38 -5.47
C LYS B 114 2.85 24.05 -5.77
N LEU B 115 2.54 25.10 -5.00
CA LEU B 115 1.42 25.99 -5.24
C LEU B 115 1.95 27.41 -5.47
N THR B 116 1.14 28.23 -6.14
CA THR B 116 1.50 29.64 -6.30
C THR B 116 1.32 30.38 -4.99
N ASP B 117 1.95 31.55 -4.89
CA ASP B 117 1.74 32.34 -3.69
C ASP B 117 0.27 32.71 -3.51
N GLU B 118 -0.45 32.94 -4.62
CA GLU B 118 -1.88 33.18 -4.53
C GLU B 118 -2.63 31.96 -3.99
N GLU B 119 -2.28 30.76 -4.46
CA GLU B 119 -2.96 29.55 -3.99
C GLU B 119 -2.64 29.27 -2.53
N VAL B 120 -1.41 29.54 -2.10
CA VAL B 120 -1.06 29.38 -0.70
C VAL B 120 -1.82 30.40 0.17
N ASP B 121 -2.05 31.61 -0.34
CA ASP B 121 -2.86 32.58 0.40
C ASP B 121 -4.23 32.00 0.74
N GLU B 122 -4.89 31.37 -0.26
CA GLU B 122 -6.21 30.82 -0.01
C GLU B 122 -6.16 29.66 0.99
N MET B 123 -5.14 28.81 0.88
CA MET B 123 -5.01 27.66 1.78
C MET B 123 -4.79 28.11 3.22
N ILE B 124 -3.89 29.07 3.43
CA ILE B 124 -3.64 29.58 4.79
C ILE B 124 -4.87 30.26 5.36
N ARG B 125 -5.64 30.96 4.52
CA ARG B 125 -6.86 31.60 4.99
C ARG B 125 -7.80 30.60 5.66
N GLU B 126 -7.91 29.40 5.08
CA GLU B 126 -8.70 28.31 5.67
C GLU B 126 -7.94 27.60 6.78
N ALA B 127 -6.63 27.39 6.62
CA ALA B 127 -5.90 26.57 7.58
C ALA B 127 -5.67 27.29 8.90
N ASP B 128 -5.51 28.62 8.89
CA ASP B 128 -5.22 29.36 10.13
C ASP B 128 -6.54 29.77 10.79
N ILE B 129 -7.18 28.76 11.38
CA ILE B 129 -8.53 28.92 11.92
C ILE B 129 -8.60 30.04 12.96
N ASP B 130 -7.61 30.11 13.84
CA ASP B 130 -7.66 31.06 14.94
C ASP B 130 -7.11 32.43 14.55
N GLY B 131 -6.53 32.58 13.35
CA GLY B 131 -5.94 33.84 12.95
C GLY B 131 -4.69 34.21 13.72
N ASP B 132 -3.96 33.23 14.25
CA ASP B 132 -2.77 33.51 15.03
C ASP B 132 -1.49 33.26 14.24
N GLY B 133 -1.59 33.07 12.94
CA GLY B 133 -0.40 32.79 12.15
C GLY B 133 0.16 31.40 12.34
N GLN B 134 -0.59 30.50 12.93
CA GLN B 134 -0.15 29.15 13.23
C GLN B 134 -1.22 28.19 12.76
N VAL B 135 -0.82 27.05 12.22
CA VAL B 135 -1.76 26.06 11.72
C VAL B 135 -1.72 24.86 12.64
N ASN B 136 -2.84 24.60 13.31
CA ASN B 136 -3.09 23.38 14.07
C ASN B 136 -3.53 22.33 13.06
N TYR B 137 -2.59 21.52 12.58
CA TYR B 137 -2.90 20.75 11.38
C TYR B 137 -3.88 19.61 11.67
N GLU B 138 -3.94 19.12 12.91
CA GLU B 138 -4.98 18.15 13.25
C GLU B 138 -6.37 18.74 13.02
N GLU B 139 -6.59 19.97 13.48
CA GLU B 139 -7.91 20.60 13.33
C GLU B 139 -8.18 20.95 11.88
N PHE B 140 -7.17 21.45 11.18
CA PHE B 140 -7.31 21.72 9.75
C PHE B 140 -7.68 20.45 8.98
N VAL B 141 -7.00 19.33 9.26
CA VAL B 141 -7.31 18.10 8.53
C VAL B 141 -8.72 17.62 8.88
N GLN B 142 -9.12 17.77 10.14
CA GLN B 142 -10.47 17.38 10.56
C GLN B 142 -11.54 18.21 9.86
N MET B 143 -11.28 19.50 9.65
CA MET B 143 -12.20 20.33 8.88
C MET B 143 -12.32 19.85 7.43
N MET B 144 -11.19 19.59 6.77
CA MET B 144 -11.23 19.19 5.35
C MET B 144 -11.80 17.79 5.14
N THR B 145 -11.77 16.94 6.16
CA THR B 145 -12.30 15.58 6.01
C THR B 145 -13.67 15.41 6.66
N ALA B 146 -14.24 16.48 7.22
CA ALA B 146 -15.53 16.43 7.88
C ALA B 146 -16.64 16.04 6.90
S SO4 C . 30.27 -21.98 17.35
O1 SO4 C . 29.59 -22.66 16.25
O2 SO4 C . 29.30 -21.24 18.17
O3 SO4 C . 30.95 -22.97 18.18
O4 SO4 C . 31.24 -21.05 16.80
S SO4 D . 25.01 -23.72 32.39
O1 SO4 D . 23.92 -22.86 32.86
O2 SO4 D . 24.46 -24.88 31.71
O3 SO4 D . 25.85 -22.96 31.46
O4 SO4 D . 25.82 -24.14 33.52
S SO4 E . 21.54 -29.54 12.30
O1 SO4 E . 20.72 -30.40 11.46
O2 SO4 E . 20.90 -28.22 12.41
O3 SO4 E . 22.85 -29.39 11.69
O4 SO4 E . 21.68 -30.09 13.65
S SO4 F . 24.81 -25.57 9.11
O1 SO4 F . 24.16 -26.88 9.18
O2 SO4 F . 23.90 -24.61 8.49
O3 SO4 F . 26.02 -25.68 8.28
O4 SO4 F . 25.19 -25.13 10.44
C1 GOL G . -16.44 17.09 -16.73
O1 GOL G . -16.10 18.04 -15.73
C2 GOL G . -16.94 15.81 -16.08
O2 GOL G . -16.44 14.73 -16.83
C3 GOL G . -18.46 15.77 -16.11
O3 GOL G . -18.93 14.79 -15.20
CA CA H . -2.62 -3.23 -23.81
CA CA I . -6.53 -12.93 -19.05
C4 AJY J . -5.56 -5.18 -9.19
C5 AJY J . -6.28 -4.05 -9.50
C6 AJY J . -4.55 -7.06 -8.23
N1 AJY J . -6.24 -5.73 -6.84
C7 AJY J . -5.52 -5.98 -7.97
C8 AJY J . -6.85 -2.30 -11.20
N AJY J . -4.05 -6.95 -9.48
C AJY J . -6.10 -3.53 -10.76
O AJY J . -4.23 -7.96 -7.38
C1 AJY J . -5.16 -4.18 -11.70
C2 AJY J . -4.42 -5.32 -11.37
C3 AJY J . -4.59 -5.86 -10.10
O1 AJY J . -6.11 -6.58 -5.74
BR AJY J . -5.04 -3.34 -13.37
C1 GOL K . 7.79 26.47 12.01
O1 GOL K . 6.42 26.11 12.15
C2 GOL K . 8.06 27.74 12.78
O2 GOL K . 8.58 27.43 14.04
C3 GOL K . 9.01 28.63 12.00
O3 GOL K . 8.27 29.66 11.38
#